data_7NE9
#
_entry.id   7NE9
#
_cell.length_a   129.250
_cell.length_b   129.250
_cell.length_c   77.280
_cell.angle_alpha   90.000
_cell.angle_beta   90.000
_cell.angle_gamma   120.000
#
_symmetry.space_group_name_H-M   'P 65'
#
loop_
_entity.id
_entity.type
_entity.pdbx_description
1 polymer 'Ferric uptake regulator family'
2 non-polymer 'ZINC ION'
3 non-polymer 'ACETATE ION'
4 water water
#
_entity_poly.entity_id   1
_entity_poly.type   'polypeptide(L)'
_entity_poly.pdbx_seq_one_letter_code
;MTGSSPALNARQQALLTALNACGDEMSGQQLHRSLDDEASMGLATVYRNLRQLQQRGLVRCRHLPTGEALYAPVDRDRHH
LTCVDCGTTQVLDHCPIHGIDVPADSRGDFELLFHTLEFFGFCSSCRPQRSSKP
;
_entity_poly.pdbx_strand_id   AAA,BBB,CCC,DDD
#
loop_
_chem_comp.id
_chem_comp.type
_chem_comp.name
_chem_comp.formula
ACT non-polymer 'ACETATE ION' 'C2 H3 O2 -1'
ZN non-polymer 'ZINC ION' 'Zn 2'
#
# COMPACT_ATOMS: atom_id res chain seq x y z
N PRO A 6 -18.25 -19.91 -10.46
CA PRO A 6 -17.20 -20.95 -10.55
C PRO A 6 -15.87 -20.54 -9.89
N ALA A 7 -15.06 -21.52 -9.47
CA ALA A 7 -13.69 -21.32 -8.94
C ALA A 7 -12.93 -20.39 -9.88
N LEU A 8 -11.84 -19.76 -9.42
CA LEU A 8 -10.93 -18.94 -10.26
C LEU A 8 -10.10 -19.83 -11.17
N ASN A 9 -10.06 -19.53 -12.46
CA ASN A 9 -9.14 -20.19 -13.42
C ASN A 9 -7.70 -19.72 -13.12
N ALA A 10 -6.71 -20.33 -13.77
CA ALA A 10 -5.26 -20.13 -13.56
C ALA A 10 -4.83 -18.68 -13.87
N ARG A 11 -5.44 -18.08 -14.89
CA ARG A 11 -5.13 -16.69 -15.32
C ARG A 11 -5.65 -15.70 -14.27
N GLN A 12 -6.86 -15.89 -13.78
CA GLN A 12 -7.46 -15.03 -12.74
C GLN A 12 -6.59 -15.12 -11.49
N GLN A 13 -6.16 -16.32 -11.12
CA GLN A 13 -5.30 -16.52 -9.93
C GLN A 13 -3.95 -15.82 -10.14
N ALA A 14 -3.37 -15.89 -11.32
CA ALA A 14 -2.06 -15.26 -11.59
C ALA A 14 -2.21 -13.74 -11.45
N LEU A 15 -3.32 -13.16 -11.90
CA LEU A 15 -3.51 -11.68 -11.78
C LEU A 15 -3.68 -11.29 -10.31
N LEU A 16 -4.49 -12.04 -9.56
CA LEU A 16 -4.72 -11.75 -8.12
C LEU A 16 -3.40 -11.84 -7.36
N THR A 17 -2.61 -12.87 -7.64
CA THR A 17 -1.27 -13.06 -7.04
C THR A 17 -0.40 -11.83 -7.33
N ALA A 18 -0.33 -11.39 -8.58
CA ALA A 18 0.52 -10.24 -8.96
C ALA A 18 0.01 -8.98 -8.26
N LEU A 19 -1.31 -8.76 -8.20
CA LEU A 19 -1.86 -7.53 -7.56
C LEU A 19 -1.56 -7.56 -6.07
N ASN A 20 -1.66 -8.73 -5.42
CA ASN A 20 -1.33 -8.90 -3.99
C ASN A 20 0.14 -8.60 -3.75
N ALA A 21 1.02 -9.13 -4.60
CA ALA A 21 2.50 -9.08 -4.41
C ALA A 21 3.02 -7.65 -4.56
N CYS A 22 2.39 -6.79 -5.38
CA CYS A 22 2.91 -5.42 -5.63
C CYS A 22 2.77 -4.50 -4.41
N GLY A 23 1.90 -4.84 -3.45
CA GLY A 23 1.79 -4.07 -2.19
C GLY A 23 1.02 -2.76 -2.37
N ASP A 24 0.53 -2.48 -3.58
CA ASP A 24 -0.11 -1.19 -3.93
C ASP A 24 -1.08 -1.44 -5.07
N GLU A 25 -1.12 -0.59 -6.11
CA GLU A 25 -2.03 -0.72 -7.25
C GLU A 25 -1.22 -0.74 -8.55
N MET A 26 -1.79 -1.28 -9.62
CA MET A 26 -1.10 -1.34 -10.94
C MET A 26 -2.12 -1.07 -12.03
N SER A 27 -1.73 -0.32 -13.05
CA SER A 27 -2.50 -0.24 -14.33
C SER A 27 -2.54 -1.65 -14.98
N GLY A 28 -3.42 -1.86 -15.95
CA GLY A 28 -3.45 -3.12 -16.71
C GLY A 28 -2.11 -3.39 -17.38
N GLN A 29 -1.49 -2.34 -17.92
CA GLN A 29 -0.18 -2.49 -18.61
C GLN A 29 0.91 -2.84 -17.58
N GLN A 30 0.90 -2.20 -16.41
CA GLN A 30 1.92 -2.53 -15.38
C GLN A 30 1.70 -3.97 -14.92
N LEU A 31 0.46 -4.38 -14.70
CA LEU A 31 0.13 -5.76 -14.28
C LEU A 31 0.68 -6.73 -15.34
N HIS A 32 0.41 -6.45 -16.60
CA HIS A 32 0.92 -7.27 -17.74
C HIS A 32 2.45 -7.37 -17.67
N ARG A 33 3.14 -6.24 -17.49
CA ARG A 33 4.62 -6.23 -17.42
C ARG A 33 5.13 -6.93 -16.16
N SER A 34 4.36 -7.04 -15.10
CA SER A 34 4.82 -7.66 -13.81
C SER A 34 4.78 -9.19 -13.93
N LEU A 35 4.07 -9.80 -14.88
CA LEU A 35 3.86 -11.27 -14.84
C LEU A 35 5.18 -11.98 -15.20
N ASP A 36 5.55 -13.02 -14.45
CA ASP A 36 6.77 -13.82 -14.75
C ASP A 36 6.42 -14.82 -15.84
N ASP A 37 7.39 -15.58 -16.35
CA ASP A 37 7.22 -16.49 -17.51
C ASP A 37 6.03 -17.42 -17.24
N GLU A 38 5.95 -17.97 -16.03
CA GLU A 38 4.94 -18.98 -15.63
C GLU A 38 3.54 -18.35 -15.64
N ALA A 39 3.41 -17.08 -15.28
CA ALA A 39 2.10 -16.38 -15.20
C ALA A 39 1.76 -15.62 -16.50
N SER A 40 2.70 -15.48 -17.42
CA SER A 40 2.58 -14.55 -18.58
C SER A 40 1.35 -14.92 -19.43
N MET A 41 0.70 -13.92 -20.02
CA MET A 41 -0.45 -14.06 -20.94
C MET A 41 -0.49 -12.79 -21.79
N GLY A 42 -1.27 -12.77 -22.87
CA GLY A 42 -1.38 -11.58 -23.72
C GLY A 42 -2.11 -10.46 -23.01
N LEU A 43 -1.85 -9.23 -23.45
CA LEU A 43 -2.42 -8.02 -22.84
C LEU A 43 -3.95 -8.08 -22.87
N ALA A 44 -4.57 -8.47 -23.99
CA ALA A 44 -6.05 -8.50 -24.12
C ALA A 44 -6.61 -9.52 -23.11
N THR A 45 -5.89 -10.63 -22.89
CA THR A 45 -6.25 -11.64 -21.87
C THR A 45 -6.20 -11.02 -20.47
N VAL A 46 -5.20 -10.18 -20.19
CA VAL A 46 -5.10 -9.50 -18.88
C VAL A 46 -6.38 -8.67 -18.67
N TYR A 47 -6.73 -7.82 -19.63
CA TYR A 47 -7.89 -6.90 -19.49
C TYR A 47 -9.17 -7.72 -19.30
N ARG A 48 -9.36 -8.78 -20.08
CA ARG A 48 -10.60 -9.60 -20.03
C ARG A 48 -10.70 -10.21 -18.63
N ASN A 49 -9.60 -10.73 -18.11
CA ASN A 49 -9.59 -11.41 -16.80
C ASN A 49 -9.74 -10.37 -15.69
N LEU A 50 -9.16 -9.18 -15.84
CA LEU A 50 -9.37 -8.10 -14.84
C LEU A 50 -10.85 -7.76 -14.74
N ARG A 51 -11.51 -7.58 -15.90
CA ARG A 51 -12.94 -7.21 -15.97
C ARG A 51 -13.76 -8.27 -15.21
N GLN A 52 -13.46 -9.55 -15.44
CA GLN A 52 -14.17 -10.65 -14.75
C GLN A 52 -13.94 -10.55 -13.23
N LEU A 53 -12.69 -10.32 -12.79
CA LEU A 53 -12.37 -10.21 -11.35
C LEU A 53 -13.12 -9.02 -10.74
N GLN A 54 -13.25 -7.93 -11.50
CA GLN A 54 -13.97 -6.74 -11.01
C GLN A 54 -15.44 -7.09 -10.80
N GLN A 55 -16.04 -7.80 -11.75
CA GLN A 55 -17.48 -8.15 -11.72
C GLN A 55 -17.74 -9.13 -10.59
N ARG A 56 -16.75 -9.94 -10.22
CA ARG A 56 -16.85 -10.87 -9.06
C ARG A 56 -16.49 -10.16 -7.75
N GLY A 57 -16.17 -8.87 -7.79
CA GLY A 57 -15.86 -8.10 -6.57
C GLY A 57 -14.55 -8.52 -5.91
N LEU A 58 -13.60 -9.08 -6.66
CA LEU A 58 -12.29 -9.53 -6.10
C LEU A 58 -11.19 -8.50 -6.35
N VAL A 59 -11.42 -7.58 -7.27
CA VAL A 59 -10.45 -6.51 -7.61
C VAL A 59 -11.19 -5.19 -7.55
N ARG A 60 -10.52 -4.16 -7.05
CA ARG A 60 -11.02 -2.77 -7.02
C ARG A 60 -10.26 -1.99 -8.08
N CYS A 61 -10.89 -0.96 -8.59
CA CYS A 61 -10.37 -0.09 -9.65
C CYS A 61 -10.60 1.37 -9.24
N ARG A 62 -9.65 2.25 -9.50
CA ARG A 62 -9.92 3.71 -9.43
C ARG A 62 -9.14 4.37 -10.58
N HIS A 63 -9.44 5.62 -10.86
CA HIS A 63 -8.74 6.41 -11.90
C HIS A 63 -7.87 7.46 -11.24
N LEU A 64 -6.62 7.59 -11.68
CA LEU A 64 -5.77 8.75 -11.33
C LEU A 64 -6.40 10.00 -11.92
N PRO A 65 -6.02 11.20 -11.43
CA PRO A 65 -6.41 12.46 -12.07
C PRO A 65 -6.11 12.50 -13.58
N THR A 66 -5.13 11.76 -14.05
CA THR A 66 -4.77 11.66 -15.50
C THR A 66 -5.79 10.82 -16.27
N GLY A 67 -6.64 10.05 -15.59
CA GLY A 67 -7.61 9.16 -16.24
C GLY A 67 -7.11 7.73 -16.34
N GLU A 68 -5.86 7.44 -16.01
CA GLU A 68 -5.35 6.05 -15.96
C GLU A 68 -6.06 5.23 -14.88
N ALA A 69 -6.51 4.04 -15.22
CA ALA A 69 -7.20 3.09 -14.31
C ALA A 69 -6.15 2.25 -13.57
N LEU A 70 -6.25 2.16 -12.25
CA LEU A 70 -5.34 1.36 -11.40
C LEU A 70 -6.15 0.32 -10.64
N TYR A 71 -5.61 -0.90 -10.53
CA TYR A 71 -6.31 -2.07 -9.94
C TYR A 71 -5.56 -2.52 -8.70
N ALA A 72 -6.30 -3.07 -7.75
CA ALA A 72 -5.75 -3.65 -6.50
C ALA A 72 -6.67 -4.76 -6.02
N PRO A 73 -6.19 -5.63 -5.13
CA PRO A 73 -7.08 -6.58 -4.46
C PRO A 73 -8.16 -5.75 -3.75
N VAL A 74 -9.39 -6.25 -3.75
CA VAL A 74 -10.57 -5.49 -3.23
C VAL A 74 -10.31 -5.04 -1.79
N ASP A 75 -9.59 -5.84 -1.00
CA ASP A 75 -9.38 -5.59 0.46
C ASP A 75 -8.25 -4.59 0.71
N ARG A 76 -7.43 -4.25 -0.29
CA ARG A 76 -6.37 -3.22 -0.12
C ARG A 76 -7.01 -1.81 -0.19
N ASP A 77 -7.06 -1.13 0.94
CA ASP A 77 -7.83 0.13 1.12
C ASP A 77 -6.82 1.23 1.42
N ARG A 78 -6.07 1.70 0.43
CA ARG A 78 -5.02 2.72 0.62
C ARG A 78 -5.48 4.02 -0.01
N HIS A 79 -5.34 5.13 0.70
CA HIS A 79 -5.82 6.46 0.25
C HIS A 79 -4.63 7.41 0.17
N HIS A 80 -4.81 8.50 -0.56
CA HIS A 80 -3.71 9.43 -0.87
C HIS A 80 -4.11 10.88 -0.60
N LEU A 81 -3.07 11.70 -0.38
CA LEU A 81 -3.09 13.18 -0.48
C LEU A 81 -2.38 13.50 -1.79
N THR A 82 -2.99 14.33 -2.62
CA THR A 82 -2.44 14.70 -3.95
C THR A 82 -2.50 16.21 -4.06
N CYS A 83 -1.38 16.82 -4.44
CA CYS A 83 -1.32 18.26 -4.78
C CYS A 83 -1.99 18.48 -6.15
N VAL A 84 -2.95 19.39 -6.21
CA VAL A 84 -3.74 19.68 -7.44
C VAL A 84 -2.84 20.51 -8.40
N ASP A 85 -1.79 21.13 -7.88
CA ASP A 85 -0.89 22.01 -8.66
C ASP A 85 0.17 21.14 -9.35
N CYS A 86 1.10 20.53 -8.58
CA CYS A 86 2.26 19.79 -9.11
C CYS A 86 1.96 18.28 -9.27
N GLY A 87 0.84 17.76 -8.74
CA GLY A 87 0.49 16.33 -8.90
C GLY A 87 1.26 15.42 -7.95
N THR A 88 2.11 15.93 -7.07
CA THR A 88 2.83 15.07 -6.08
C THR A 88 1.78 14.39 -5.18
N THR A 89 2.02 13.13 -4.81
CA THR A 89 1.06 12.28 -4.06
C THR A 89 1.77 11.59 -2.91
N GLN A 90 1.11 11.44 -1.77
CA GLN A 90 1.60 10.58 -0.67
C GLN A 90 0.46 9.69 -0.20
N VAL A 91 0.80 8.45 0.12
CA VAL A 91 -0.13 7.43 0.65
C VAL A 91 -0.31 7.70 2.14
N LEU A 92 -1.53 7.63 2.64
CA LEU A 92 -1.81 7.72 4.09
C LEU A 92 -1.50 6.37 4.72
N ASP A 93 -0.92 6.36 5.92
CA ASP A 93 -0.66 5.10 6.66
C ASP A 93 -1.99 4.44 7.06
N HIS A 94 -3.07 5.19 7.28
CA HIS A 94 -4.31 4.59 7.87
C HIS A 94 -5.56 5.19 7.21
N CYS A 95 -6.60 4.39 7.03
CA CYS A 95 -7.88 4.87 6.47
C CYS A 95 -8.59 5.72 7.51
N PRO A 96 -8.81 7.02 7.29
CA PRO A 96 -9.48 7.85 8.30
C PRO A 96 -11.01 7.63 8.43
N ILE A 97 -11.62 6.80 7.59
CA ILE A 97 -13.07 6.45 7.74
C ILE A 97 -13.18 4.95 7.97
N HIS A 98 -12.13 4.32 8.51
CA HIS A 98 -12.08 2.85 8.76
C HIS A 98 -13.35 2.42 9.54
N GLY A 99 -14.11 1.48 8.95
CA GLY A 99 -15.30 0.88 9.58
C GLY A 99 -16.59 1.62 9.28
N ILE A 100 -16.57 2.66 8.45
CA ILE A 100 -17.81 3.42 8.09
C ILE A 100 -18.88 2.47 7.54
N ASP A 101 -20.15 2.65 7.89
CA ASP A 101 -21.31 1.91 7.28
C ASP A 101 -21.93 2.84 6.24
N VAL A 102 -22.72 2.34 5.27
CA VAL A 102 -23.44 3.23 4.30
C VAL A 102 -24.84 3.56 4.85
N PRO A 103 -25.31 4.83 4.72
CA PRO A 103 -26.54 5.29 5.40
C PRO A 103 -27.86 4.51 5.20
N ALA A 104 -28.42 4.45 3.98
CA ALA A 104 -29.78 3.91 3.68
C ALA A 104 -30.16 4.21 2.23
N GLY A 108 -31.68 -0.11 0.75
CA GLY A 108 -32.51 -1.19 0.17
C GLY A 108 -31.67 -2.20 -0.60
N ASP A 109 -31.12 -3.19 0.11
CA ASP A 109 -30.54 -4.46 -0.44
C ASP A 109 -29.42 -4.13 -1.45
N PHE A 110 -28.45 -3.32 -1.01
CA PHE A 110 -27.19 -3.01 -1.73
C PHE A 110 -26.00 -3.63 -0.97
N GLU A 111 -25.20 -4.46 -1.63
CA GLU A 111 -24.04 -5.14 -0.98
C GLU A 111 -22.77 -4.31 -1.21
N LEU A 112 -22.23 -3.72 -0.14
CA LEU A 112 -21.02 -2.85 -0.16
C LEU A 112 -19.75 -3.71 -0.34
N LEU A 113 -18.84 -3.33 -1.24
CA LEU A 113 -17.54 -4.01 -1.45
C LEU A 113 -16.38 -3.13 -0.98
N PHE A 114 -16.35 -1.86 -1.36
CA PHE A 114 -15.21 -0.98 -1.05
C PHE A 114 -15.60 0.48 -1.26
N HIS A 115 -14.72 1.35 -0.77
CA HIS A 115 -14.79 2.81 -0.99
C HIS A 115 -13.45 3.29 -1.52
N THR A 116 -13.52 4.32 -2.32
CA THR A 116 -12.38 5.11 -2.82
C THR A 116 -12.45 6.43 -2.08
N LEU A 117 -11.35 6.82 -1.45
CA LEU A 117 -11.28 8.09 -0.72
C LEU A 117 -9.97 8.74 -1.10
N GLU A 118 -10.01 9.95 -1.63
CA GLU A 118 -8.80 10.63 -2.12
C GLU A 118 -8.91 12.09 -1.66
N PHE A 119 -7.82 12.62 -1.12
CA PHE A 119 -7.74 14.02 -0.66
C PHE A 119 -6.88 14.81 -1.65
N PHE A 120 -7.28 16.07 -1.85
CA PHE A 120 -6.67 17.01 -2.82
C PHE A 120 -6.40 18.31 -2.07
N GLY A 121 -5.26 18.92 -2.36
CA GLY A 121 -4.92 20.23 -1.81
C GLY A 121 -3.65 20.75 -2.44
N PHE A 122 -2.94 21.63 -1.73
CA PHE A 122 -1.63 22.17 -2.15
C PHE A 122 -0.56 21.63 -1.20
N CYS A 123 0.51 21.09 -1.78
CA CYS A 123 1.73 20.70 -1.01
C CYS A 123 2.46 21.97 -0.55
N SER A 124 3.49 21.80 0.30
CA SER A 124 4.34 22.88 0.90
C SER A 124 4.83 23.85 -0.17
N SER A 125 5.42 23.30 -1.25
CA SER A 125 6.00 24.08 -2.38
C SER A 125 4.93 24.95 -3.07
N CYS A 126 3.69 24.47 -3.18
CA CYS A 126 2.66 25.06 -4.09
C CYS A 126 1.72 26.02 -3.33
N ARG A 127 1.64 25.96 -2.00
CA ARG A 127 0.54 26.60 -1.22
C ARG A 127 0.67 28.13 -1.26
N PRO A 128 -0.36 28.87 -1.74
CA PRO A 128 -0.31 30.34 -1.80
C PRO A 128 -0.81 31.00 -0.51
N PRO B 6 -3.13 35.69 -8.77
CA PRO B 6 -3.50 36.30 -10.06
C PRO B 6 -5.03 36.53 -10.19
N ALA B 7 -5.56 36.56 -11.42
CA ALA B 7 -7.01 36.69 -11.72
C ALA B 7 -7.37 35.85 -12.95
N LEU B 8 -8.63 35.45 -13.08
CA LEU B 8 -9.07 34.46 -14.10
C LEU B 8 -9.16 35.12 -15.48
N ASN B 9 -8.60 34.48 -16.52
CA ASN B 9 -8.86 34.90 -17.93
C ASN B 9 -10.33 34.61 -18.27
N ALA B 10 -10.80 35.09 -19.42
CA ALA B 10 -12.24 35.12 -19.81
C ALA B 10 -12.77 33.68 -19.99
N ARG B 11 -11.92 32.77 -20.46
CA ARG B 11 -12.29 31.35 -20.71
C ARG B 11 -12.46 30.63 -19.36
N GLN B 12 -11.53 30.83 -18.43
CA GLN B 12 -11.61 30.25 -17.07
C GLN B 12 -12.89 30.74 -16.40
N GLN B 13 -13.20 32.03 -16.52
CA GLN B 13 -14.42 32.63 -15.90
C GLN B 13 -15.68 32.00 -16.52
N ALA B 14 -15.68 31.81 -17.85
CA ALA B 14 -16.88 31.27 -18.53
C ALA B 14 -17.10 29.83 -18.05
N LEU B 15 -16.04 29.05 -17.88
CA LEU B 15 -16.20 27.63 -17.45
C LEU B 15 -16.69 27.58 -15.99
N LEU B 16 -16.13 28.39 -15.11
CA LEU B 16 -16.53 28.43 -13.67
C LEU B 16 -18.01 28.82 -13.59
N THR B 17 -18.41 29.84 -14.37
CA THR B 17 -19.82 30.29 -14.44
C THR B 17 -20.72 29.12 -14.85
N ALA B 18 -20.37 28.40 -15.92
CA ALA B 18 -21.18 27.29 -16.42
C ALA B 18 -21.25 26.18 -15.35
N LEU B 19 -20.13 25.85 -14.70
CA LEU B 19 -20.13 24.78 -13.65
C LEU B 19 -21.01 25.18 -12.47
N ASN B 20 -20.96 26.46 -12.08
CA ASN B 20 -21.79 26.99 -10.96
C ASN B 20 -23.27 26.96 -11.37
N ALA B 21 -23.60 27.32 -12.61
CA ALA B 21 -24.99 27.37 -13.13
C ALA B 21 -25.65 25.99 -13.14
N CYS B 22 -24.90 24.92 -13.39
CA CYS B 22 -25.44 23.53 -13.44
C CYS B 22 -25.61 23.02 -12.01
N GLY B 23 -26.72 22.37 -11.67
CA GLY B 23 -26.97 21.81 -10.31
C GLY B 23 -26.13 20.58 -10.03
N ASP B 24 -25.44 20.05 -11.04
CA ASP B 24 -24.75 18.73 -11.07
C ASP B 24 -23.31 18.89 -11.56
N GLU B 25 -22.58 17.79 -11.62
CA GLU B 25 -21.28 17.72 -12.33
C GLU B 25 -21.51 17.77 -13.84
N MET B 26 -20.51 18.17 -14.61
CA MET B 26 -20.58 18.20 -16.09
C MET B 26 -19.33 17.56 -16.66
N SER B 27 -19.50 16.71 -17.66
CA SER B 27 -18.36 16.24 -18.50
C SER B 27 -17.78 17.44 -19.26
N GLY B 28 -16.56 17.27 -19.78
CA GLY B 28 -15.96 18.27 -20.67
C GLY B 28 -16.84 18.53 -21.89
N GLN B 29 -17.45 17.50 -22.43
CA GLN B 29 -18.31 17.63 -23.63
C GLN B 29 -19.59 18.36 -23.25
N GLN B 30 -20.20 18.06 -22.10
CA GLN B 30 -21.43 18.79 -21.68
C GLN B 30 -21.08 20.27 -21.52
N LEU B 31 -19.95 20.55 -20.89
CA LEU B 31 -19.53 21.93 -20.63
C LEU B 31 -19.33 22.64 -21.96
N HIS B 32 -18.65 21.97 -22.88
CA HIS B 32 -18.43 22.48 -24.26
C HIS B 32 -19.77 22.82 -24.91
N ARG B 33 -20.74 21.90 -24.87
CA ARG B 33 -22.07 22.09 -25.52
C ARG B 33 -22.85 23.20 -24.80
N SER B 34 -22.58 23.49 -23.53
CA SER B 34 -23.33 24.53 -22.76
C SER B 34 -22.92 25.95 -23.17
N LEU B 35 -21.76 26.14 -23.81
CA LEU B 35 -21.27 27.51 -24.11
C LEU B 35 -22.07 28.07 -25.28
N ASP B 36 -22.55 29.30 -25.17
CA ASP B 36 -23.23 30.02 -26.27
C ASP B 36 -22.14 30.65 -27.15
N ASP B 37 -22.55 31.26 -28.26
CA ASP B 37 -21.63 31.87 -29.26
C ASP B 37 -20.66 32.80 -28.55
N GLU B 38 -21.14 33.63 -27.63
CA GLU B 38 -20.40 34.66 -26.88
C GLU B 38 -19.25 34.02 -26.10
N ALA B 39 -19.48 32.85 -25.50
CA ALA B 39 -18.50 32.17 -24.61
C ALA B 39 -17.74 31.07 -25.35
N SER B 40 -18.07 30.77 -26.60
CA SER B 40 -17.63 29.53 -27.33
C SER B 40 -16.10 29.40 -27.30
N MET B 41 -15.61 28.17 -27.14
CA MET B 41 -14.18 27.83 -27.29
C MET B 41 -14.12 26.39 -27.79
N GLY B 42 -13.01 25.99 -28.41
CA GLY B 42 -12.82 24.60 -28.87
C GLY B 42 -12.78 23.61 -27.70
N LEU B 43 -13.08 22.35 -27.97
CA LEU B 43 -13.12 21.31 -26.91
C LEU B 43 -11.75 21.21 -26.21
N ALA B 44 -10.65 21.21 -26.96
CA ALA B 44 -9.29 21.10 -26.38
C ALA B 44 -9.03 22.32 -25.48
N THR B 45 -9.55 23.49 -25.85
CA THR B 45 -9.44 24.73 -25.02
C THR B 45 -10.22 24.54 -23.72
N VAL B 46 -11.38 23.90 -23.76
CA VAL B 46 -12.16 23.60 -22.53
C VAL B 46 -11.29 22.80 -21.58
N TYR B 47 -10.73 21.69 -22.04
CA TYR B 47 -9.92 20.78 -21.19
C TYR B 47 -8.69 21.53 -20.63
N ARG B 48 -8.01 22.32 -21.47
CA ARG B 48 -6.79 23.07 -21.03
C ARG B 48 -7.18 24.02 -19.90
N ASN B 49 -8.30 24.70 -20.04
CA ASN B 49 -8.72 25.75 -19.08
C ASN B 49 -9.26 25.06 -17.83
N LEU B 50 -9.90 23.89 -17.97
CA LEU B 50 -10.35 23.12 -16.79
C LEU B 50 -9.11 22.72 -15.98
N ARG B 51 -8.07 22.22 -16.64
CA ARG B 51 -6.81 21.80 -15.96
C ARG B 51 -6.24 22.98 -15.15
N GLN B 52 -6.22 24.17 -15.73
CA GLN B 52 -5.72 25.37 -15.03
C GLN B 52 -6.59 25.67 -13.81
N LEU B 53 -7.93 25.60 -13.94
CA LEU B 53 -8.85 25.83 -12.81
C LEU B 53 -8.61 24.78 -11.71
N GLN B 54 -8.30 23.56 -12.10
CA GLN B 54 -8.02 22.46 -11.13
C GLN B 54 -6.73 22.79 -10.39
N GLN B 55 -5.71 23.27 -11.09
CA GLN B 55 -4.38 23.57 -10.52
C GLN B 55 -4.50 24.74 -9.54
N ARG B 56 -5.47 25.65 -9.76
CA ARG B 56 -5.76 26.76 -8.82
C ARG B 56 -6.71 26.32 -7.72
N GLY B 57 -7.15 25.07 -7.70
CA GLY B 57 -8.02 24.54 -6.64
C GLY B 57 -9.43 25.09 -6.72
N LEU B 58 -9.93 25.52 -7.89
CA LEU B 58 -11.28 26.12 -8.05
C LEU B 58 -12.27 25.09 -8.60
N VAL B 59 -11.78 24.02 -9.19
CA VAL B 59 -12.64 22.98 -9.82
C VAL B 59 -12.19 21.61 -9.32
N ARG B 60 -13.16 20.74 -9.06
CA ARG B 60 -12.89 19.33 -8.69
C ARG B 60 -13.28 18.45 -9.86
N CYS B 61 -12.67 17.29 -9.94
CA CYS B 61 -12.85 16.31 -11.01
C CYS B 61 -12.97 14.92 -10.37
N ARG B 62 -13.82 14.06 -10.90
CA ARG B 62 -13.77 12.62 -10.62
C ARG B 62 -14.09 11.87 -11.91
N HIS B 63 -13.77 10.59 -11.94
CA HIS B 63 -13.99 9.73 -13.12
C HIS B 63 -15.10 8.74 -12.81
N LEU B 64 -16.03 8.56 -13.72
CA LEU B 64 -16.95 7.42 -13.71
C LEU B 64 -16.14 6.15 -13.94
N PRO B 65 -16.69 4.97 -13.58
CA PRO B 65 -16.06 3.70 -13.89
C PRO B 65 -15.71 3.52 -15.37
N THR B 66 -16.42 4.21 -16.26
CA THR B 66 -16.19 4.18 -17.72
C THR B 66 -14.92 4.96 -18.09
N GLY B 67 -14.37 5.78 -17.18
CA GLY B 67 -13.21 6.65 -17.47
C GLY B 67 -13.60 8.06 -17.83
N GLU B 68 -14.90 8.37 -17.99
CA GLU B 68 -15.35 9.75 -18.29
C GLU B 68 -15.12 10.64 -17.06
N ALA B 69 -14.55 11.82 -17.30
CA ALA B 69 -14.26 12.83 -16.26
C ALA B 69 -15.49 13.72 -16.07
N LEU B 70 -15.86 13.96 -14.82
CA LEU B 70 -16.94 14.89 -14.42
C LEU B 70 -16.35 16.01 -13.56
N TYR B 71 -16.74 17.25 -13.85
CA TYR B 71 -16.19 18.45 -13.19
C TYR B 71 -17.27 19.16 -12.39
N ALA B 72 -16.88 19.88 -11.35
CA ALA B 72 -17.79 20.72 -10.54
C ALA B 72 -16.98 21.79 -9.83
N PRO B 73 -17.64 22.84 -9.33
CA PRO B 73 -16.97 23.80 -8.45
C PRO B 73 -16.42 23.02 -7.25
N VAL B 74 -15.25 23.42 -6.79
CA VAL B 74 -14.50 22.73 -5.69
C VAL B 74 -15.40 22.54 -4.47
N ASP B 75 -16.34 23.44 -4.19
CA ASP B 75 -17.19 23.42 -2.96
C ASP B 75 -18.33 22.40 -3.06
N ARG B 76 -18.62 21.85 -4.24
CA ARG B 76 -19.72 20.86 -4.40
C ARG B 76 -19.21 19.48 -3.99
N ASP B 77 -19.62 18.97 -2.84
CA ASP B 77 -19.06 17.74 -2.22
C ASP B 77 -20.13 16.65 -2.21
N ARG B 78 -20.45 16.07 -3.36
CA ARG B 78 -21.50 15.04 -3.50
C ARG B 78 -20.85 13.69 -3.74
N HIS B 79 -21.30 12.66 -3.02
CA HIS B 79 -20.72 11.30 -3.08
C HIS B 79 -21.80 10.33 -3.52
N HIS B 80 -21.41 9.16 -4.01
CA HIS B 80 -22.32 8.18 -4.65
C HIS B 80 -22.06 6.75 -4.18
N LEU B 81 -23.08 5.92 -4.34
CA LEU B 81 -23.07 4.44 -4.33
C LEU B 81 -23.19 4.02 -5.78
N THR B 82 -22.32 3.12 -6.24
CA THR B 82 -22.28 2.68 -7.64
C THR B 82 -22.17 1.15 -7.67
N CYS B 83 -22.99 0.50 -8.47
CA CYS B 83 -22.89 -0.95 -8.75
C CYS B 83 -21.71 -1.19 -9.70
N VAL B 84 -20.78 -2.07 -9.32
CA VAL B 84 -19.56 -2.37 -10.12
C VAL B 84 -19.95 -3.21 -11.35
N ASP B 85 -21.12 -3.85 -11.33
CA ASP B 85 -21.58 -4.70 -12.45
C ASP B 85 -22.27 -3.80 -13.50
N CYS B 86 -23.45 -3.25 -13.19
CA CYS B 86 -24.30 -2.51 -14.16
C CYS B 86 -24.01 -0.99 -14.18
N GLY B 87 -23.24 -0.46 -13.23
CA GLY B 87 -22.90 0.99 -13.20
C GLY B 87 -24.04 1.86 -12.68
N THR B 88 -25.17 1.30 -12.23
CA THR B 88 -26.25 2.13 -11.63
C THR B 88 -25.70 2.86 -10.39
N THR B 89 -26.10 4.11 -10.18
CA THR B 89 -25.45 5.06 -9.23
C THR B 89 -26.55 5.86 -8.53
N GLN B 90 -26.38 6.12 -7.24
CA GLN B 90 -27.28 7.01 -6.48
C GLN B 90 -26.42 7.92 -5.59
N VAL B 91 -26.89 9.15 -5.41
CA VAL B 91 -26.19 10.19 -4.62
C VAL B 91 -26.50 9.93 -3.14
N LEU B 92 -25.51 10.08 -2.27
CA LEU B 92 -25.70 10.10 -0.80
C LEU B 92 -26.39 11.41 -0.40
N ASP B 93 -27.31 11.32 0.57
CA ASP B 93 -28.09 12.43 1.14
C ASP B 93 -27.16 13.55 1.63
N HIS B 94 -26.05 13.20 2.27
CA HIS B 94 -25.04 14.16 2.80
C HIS B 94 -23.68 13.48 2.94
N CYS B 95 -22.64 14.27 3.15
CA CYS B 95 -21.27 13.75 3.33
C CYS B 95 -21.16 13.13 4.73
N PRO B 96 -20.87 11.81 4.83
CA PRO B 96 -20.73 11.16 6.12
C PRO B 96 -19.47 11.53 6.93
N ILE B 97 -18.55 12.33 6.39
CA ILE B 97 -17.38 12.82 7.16
C ILE B 97 -17.80 14.03 8.02
N HIS B 98 -18.91 14.69 7.68
CA HIS B 98 -19.52 15.77 8.48
C HIS B 98 -18.50 16.87 8.77
N GLY B 99 -17.63 17.17 7.81
CA GLY B 99 -16.63 18.27 7.85
C GLY B 99 -15.50 18.01 8.84
N ILE B 100 -15.41 16.82 9.42
CA ILE B 100 -14.32 16.49 10.36
C ILE B 100 -12.99 16.59 9.59
N ASP B 101 -11.91 17.08 10.23
CA ASP B 101 -10.56 17.21 9.60
C ASP B 101 -9.87 15.83 9.53
N VAL B 102 -9.13 15.53 8.46
CA VAL B 102 -8.21 14.34 8.42
C VAL B 102 -7.24 14.47 9.61
N PRO B 103 -6.87 13.35 10.28
CA PRO B 103 -6.06 13.34 11.51
C PRO B 103 -5.09 14.51 11.76
N ALA B 104 -4.17 14.79 10.83
CA ALA B 104 -3.26 15.98 10.87
C ALA B 104 -2.42 15.95 12.15
N GLY B 108 0.40 15.89 6.16
CA GLY B 108 1.75 16.22 6.62
C GLY B 108 2.27 17.53 6.01
N ASP B 109 1.96 18.65 6.65
CA ASP B 109 2.28 20.05 6.22
C ASP B 109 1.79 20.30 4.80
N PHE B 110 0.53 19.98 4.56
CA PHE B 110 -0.21 19.92 3.27
C PHE B 110 -1.49 20.73 3.46
N GLU B 111 -1.86 21.65 2.56
CA GLU B 111 -3.10 22.47 2.72
C GLU B 111 -4.29 21.80 2.01
N LEU B 112 -5.24 21.30 2.79
CA LEU B 112 -6.35 20.44 2.32
C LEU B 112 -7.45 21.29 1.70
N LEU B 113 -7.95 20.92 0.52
CA LEU B 113 -9.04 21.65 -0.19
C LEU B 113 -10.30 20.79 -0.24
N PHE B 114 -10.19 19.52 -0.63
CA PHE B 114 -11.40 18.69 -0.81
C PHE B 114 -11.03 17.21 -0.86
N HIS B 115 -12.06 16.38 -0.83
CA HIS B 115 -11.97 14.91 -0.93
C HIS B 115 -13.00 14.44 -1.94
N THR B 116 -12.70 13.34 -2.60
CA THR B 116 -13.66 12.54 -3.37
C THR B 116 -13.84 11.27 -2.55
N LEU B 117 -15.08 10.86 -2.39
CA LEU B 117 -15.46 9.66 -1.64
C LEU B 117 -16.53 8.97 -2.47
N GLU B 118 -16.28 7.73 -2.83
CA GLU B 118 -17.19 6.97 -3.70
C GLU B 118 -17.28 5.55 -3.13
N PHE B 119 -18.48 5.02 -3.04
CA PHE B 119 -18.76 3.66 -2.55
C PHE B 119 -19.15 2.77 -3.74
N PHE B 120 -18.69 1.52 -3.69
CA PHE B 120 -18.85 0.52 -4.77
C PHE B 120 -19.40 -0.77 -4.17
N GLY B 121 -20.32 -1.40 -4.88
CA GLY B 121 -20.88 -2.70 -4.47
C GLY B 121 -21.72 -3.31 -5.57
N PHE B 122 -22.63 -4.19 -5.20
CA PHE B 122 -23.60 -4.84 -6.11
C PHE B 122 -24.99 -4.36 -5.76
N CYS B 123 -25.75 -3.89 -6.75
CA CYS B 123 -27.20 -3.59 -6.61
C CYS B 123 -27.98 -4.91 -6.49
N SER B 124 -29.26 -4.82 -6.14
CA SER B 124 -30.22 -5.96 -5.95
C SER B 124 -30.17 -6.90 -7.15
N SER B 125 -30.28 -6.37 -8.37
CA SER B 125 -30.29 -7.15 -9.64
C SER B 125 -28.99 -7.96 -9.81
N CYS B 126 -27.83 -7.42 -9.40
CA CYS B 126 -26.50 -7.95 -9.78
C CYS B 126 -25.88 -8.83 -8.67
N ARG B 127 -26.41 -8.79 -7.44
CA ARG B 127 -25.78 -9.42 -6.24
C ARG B 127 -25.78 -10.95 -6.38
N PRO B 128 -24.61 -11.63 -6.26
CA PRO B 128 -24.55 -13.09 -6.21
C PRO B 128 -24.74 -13.66 -4.80
N PRO C 6 7.80 -35.74 16.17
CA PRO C 6 6.34 -35.96 16.28
C PRO C 6 5.64 -35.99 14.91
N ALA C 7 4.33 -35.65 14.87
CA ALA C 7 3.52 -35.50 13.64
C ALA C 7 2.52 -34.35 13.84
N LEU C 8 2.06 -33.72 12.76
CA LEU C 8 1.26 -32.47 12.82
C LEU C 8 -0.18 -32.78 13.25
N ASN C 9 -0.72 -32.05 14.22
CA ASN C 9 -2.17 -32.07 14.56
C ASN C 9 -2.96 -31.46 13.38
N ALA C 10 -4.29 -31.59 13.40
CA ALA C 10 -5.20 -31.24 12.27
C ALA C 10 -5.11 -29.75 11.94
N ARG C 11 -4.97 -28.89 12.96
CA ARG C 11 -4.91 -27.41 12.80
C ARG C 11 -3.59 -27.02 12.12
N GLN C 12 -2.47 -27.59 12.58
CA GLN C 12 -1.14 -27.35 11.99
C GLN C 12 -1.17 -27.77 10.52
N GLN C 13 -1.75 -28.95 10.25
CA GLN C 13 -1.81 -29.51 8.88
C GLN C 13 -2.68 -28.61 8.00
N ALA C 14 -3.80 -28.09 8.52
CA ALA C 14 -4.71 -27.24 7.73
C ALA C 14 -3.97 -25.96 7.35
N LEU C 15 -3.20 -25.38 8.26
CA LEU C 15 -2.47 -24.10 7.93
C LEU C 15 -1.39 -24.38 6.89
N LEU C 16 -0.62 -25.46 7.05
CA LEU C 16 0.47 -25.80 6.10
C LEU C 16 -0.13 -26.06 4.72
N THR C 17 -1.24 -26.79 4.66
CA THR C 17 -1.98 -27.07 3.41
C THR C 17 -2.37 -25.74 2.75
N ALA C 18 -2.96 -24.81 3.49
CA ALA C 18 -3.41 -23.51 2.94
C ALA C 18 -2.19 -22.73 2.44
N LEU C 19 -1.07 -22.71 3.19
CA LEU C 19 0.13 -21.95 2.77
C LEU C 19 0.71 -22.57 1.48
N ASN C 20 0.70 -23.89 1.38
CA ASN C 20 1.20 -24.60 0.17
C ASN C 20 0.27 -24.34 -1.02
N ALA C 21 -1.05 -24.30 -0.81
CA ALA C 21 -2.06 -24.11 -1.88
C ALA C 21 -1.97 -22.69 -2.47
N CYS C 22 -1.63 -21.68 -1.68
CA CYS C 22 -1.51 -20.27 -2.13
C CYS C 22 -0.18 -20.11 -2.86
N GLY C 23 -0.18 -19.41 -4.00
CA GLY C 23 1.03 -19.22 -4.82
C GLY C 23 2.00 -18.22 -4.20
N ASP C 24 1.64 -17.59 -3.09
CA ASP C 24 2.50 -16.55 -2.46
C ASP C 24 2.45 -16.66 -0.94
N GLU C 25 3.03 -15.68 -0.28
CA GLU C 25 2.94 -15.53 1.18
C GLU C 25 1.52 -15.07 1.57
N MET C 26 1.14 -15.28 2.81
CA MET C 26 -0.18 -14.89 3.35
C MET C 26 0.03 -14.28 4.72
N SER C 27 -0.68 -13.20 5.00
CA SER C 27 -0.80 -12.67 6.37
C SER C 27 -1.57 -13.68 7.23
N GLY C 28 -1.44 -13.57 8.55
CA GLY C 28 -2.25 -14.36 9.50
C GLY C 28 -3.73 -14.17 9.24
N GLN C 29 -4.16 -12.95 8.96
CA GLN C 29 -5.59 -12.65 8.70
C GLN C 29 -6.03 -13.29 7.38
N GLN C 30 -5.21 -13.23 6.33
CA GLN C 30 -5.57 -13.88 5.04
C GLN C 30 -5.70 -15.38 5.27
N LEU C 31 -4.75 -15.96 5.99
CA LEU C 31 -4.75 -17.41 6.27
C LEU C 31 -6.03 -17.78 7.01
N HIS C 32 -6.35 -17.01 8.04
CA HIS C 32 -7.56 -17.17 8.88
C HIS C 32 -8.79 -17.17 7.99
N ARG C 33 -8.93 -16.19 7.10
CA ARG C 33 -10.12 -16.09 6.22
C ARG C 33 -10.13 -17.22 5.18
N SER C 34 -8.98 -17.78 4.80
CA SER C 34 -8.87 -18.71 3.65
C SER C 34 -9.26 -20.13 4.08
N LEU C 35 -9.23 -20.46 5.38
CA LEU C 35 -9.50 -21.82 5.85
C LEU C 35 -10.93 -22.25 5.45
N ASP C 36 -11.09 -23.51 5.10
CA ASP C 36 -12.41 -24.18 5.03
C ASP C 36 -13.21 -24.02 6.33
N ASP C 37 -14.53 -24.00 6.20
CA ASP C 37 -15.47 -23.87 7.35
C ASP C 37 -15.11 -24.91 8.41
N GLU C 38 -14.87 -26.16 7.99
CA GLU C 38 -14.68 -27.29 8.94
C GLU C 38 -13.35 -27.14 9.66
N ALA C 39 -12.33 -26.52 9.06
CA ALA C 39 -10.99 -26.36 9.65
C ALA C 39 -10.81 -24.98 10.30
N SER C 40 -11.81 -24.10 10.21
CA SER C 40 -11.73 -22.69 10.68
C SER C 40 -11.40 -22.66 12.17
N MET C 41 -10.66 -21.66 12.61
CA MET C 41 -10.24 -21.49 14.03
C MET C 41 -10.12 -19.99 14.28
N GLY C 42 -10.06 -19.57 15.54
CA GLY C 42 -9.87 -18.16 15.93
C GLY C 42 -8.53 -17.63 15.46
N LEU C 43 -8.42 -16.31 15.25
CA LEU C 43 -7.20 -15.71 14.69
C LEU C 43 -6.02 -15.98 15.64
N ALA C 44 -6.20 -15.86 16.97
CA ALA C 44 -5.11 -16.10 17.96
C ALA C 44 -4.66 -17.56 17.85
N THR C 45 -5.58 -18.49 17.60
CA THR C 45 -5.24 -19.93 17.38
C THR C 45 -4.43 -20.08 16.09
N VAL C 46 -4.74 -19.32 15.05
CA VAL C 46 -3.93 -19.34 13.80
C VAL C 46 -2.48 -18.95 14.14
N TYR C 47 -2.28 -17.84 14.84
CA TYR C 47 -0.93 -17.35 15.20
C TYR C 47 -0.21 -18.38 16.07
N ARG C 48 -0.89 -18.98 17.04
CA ARG C 48 -0.26 -19.98 17.94
C ARG C 48 0.22 -21.17 17.11
N ASN C 49 -0.61 -21.63 16.18
CA ASN C 49 -0.28 -22.80 15.34
C ASN C 49 0.81 -22.44 14.32
N LEU C 50 0.79 -21.21 13.81
CA LEU C 50 1.87 -20.75 12.90
C LEU C 50 3.19 -20.77 13.66
N ARG C 51 3.22 -20.24 14.88
CA ARG C 51 4.43 -20.19 15.75
C ARG C 51 4.97 -21.61 15.93
N GLN C 52 4.11 -22.59 16.18
CA GLN C 52 4.53 -24.01 16.33
C GLN C 52 5.16 -24.51 15.02
N LEU C 53 4.55 -24.22 13.87
CA LEU C 53 5.10 -24.62 12.55
C LEU C 53 6.46 -23.94 12.32
N GLN C 54 6.60 -22.70 12.77
CA GLN C 54 7.88 -21.95 12.65
C GLN C 54 8.94 -22.63 13.50
N GLN C 55 8.58 -23.03 14.71
CA GLN C 55 9.50 -23.66 15.69
C GLN C 55 9.97 -25.00 15.15
N ARG C 56 9.14 -25.69 14.36
CA ARG C 56 9.49 -26.96 13.70
C ARG C 56 10.22 -26.71 12.37
N GLY C 57 10.44 -25.47 11.99
CA GLY C 57 11.18 -25.12 10.77
C GLY C 57 10.38 -25.44 9.50
N LEU C 58 9.05 -25.47 9.55
CA LEU C 58 8.21 -25.81 8.36
C LEU C 58 7.68 -24.54 7.70
N VAL C 59 7.67 -23.41 8.41
CA VAL C 59 7.09 -22.14 7.87
C VAL C 59 8.12 -21.03 8.06
N ARG C 60 8.23 -20.14 7.09
CA ARG C 60 9.06 -18.93 7.19
C ARG C 60 8.14 -17.72 7.31
N CYS C 61 8.67 -16.67 7.90
CA CYS C 61 7.95 -15.43 8.21
C CYS C 61 8.84 -14.26 7.78
N ARG C 62 8.25 -13.20 7.24
CA ARG C 62 8.91 -11.89 7.20
C ARG C 62 7.87 -10.82 7.54
N HIS C 63 8.32 -9.62 7.87
CA HIS C 63 7.45 -8.50 8.26
C HIS C 63 7.54 -7.43 7.19
N LEU C 64 6.39 -6.89 6.80
CA LEU C 64 6.33 -5.63 6.02
C LEU C 64 6.84 -4.49 6.88
N PRO C 65 7.28 -3.39 6.26
CA PRO C 65 7.86 -2.26 7.00
C PRO C 65 6.91 -1.73 8.09
N THR C 66 5.61 -1.89 7.91
CA THR C 66 4.55 -1.43 8.84
C THR C 66 4.18 -2.55 9.84
N GLY C 67 4.89 -3.67 9.85
CA GLY C 67 4.84 -4.62 10.98
C GLY C 67 3.99 -5.84 10.72
N GLU C 68 3.25 -5.88 9.62
CA GLU C 68 2.42 -7.06 9.25
C GLU C 68 3.31 -8.26 8.93
N ALA C 69 3.00 -9.43 9.49
CA ALA C 69 3.74 -10.68 9.26
C ALA C 69 3.16 -11.40 8.05
N LEU C 70 4.05 -11.88 7.17
CA LEU C 70 3.68 -12.72 5.99
C LEU C 70 4.35 -14.08 6.13
N TYR C 71 3.61 -15.15 5.87
CA TYR C 71 4.03 -16.54 6.11
C TYR C 71 4.08 -17.29 4.79
N ALA C 72 4.96 -18.26 4.69
CA ALA C 72 5.07 -19.14 3.50
C ALA C 72 5.72 -20.44 3.93
N PRO C 73 5.57 -21.51 3.13
CA PRO C 73 6.34 -22.74 3.33
C PRO C 73 7.81 -22.37 3.35
N VAL C 74 8.56 -23.03 4.23
CA VAL C 74 10.01 -22.75 4.49
C VAL C 74 10.79 -22.77 3.18
N ASP C 75 10.39 -23.59 2.21
CA ASP C 75 11.11 -23.85 0.94
C ASP C 75 10.94 -22.69 -0.06
N ARG C 76 9.98 -21.79 0.15
CA ARG C 76 9.72 -20.68 -0.81
C ARG C 76 10.71 -19.55 -0.50
N ASP C 77 11.77 -19.35 -1.30
CA ASP C 77 12.85 -18.36 -1.03
C ASP C 77 12.70 -17.20 -2.01
N ARG C 78 11.72 -16.33 -1.79
CA ARG C 78 11.43 -15.18 -2.65
C ARG C 78 11.87 -13.92 -1.92
N HIS C 79 12.57 -13.03 -2.61
CA HIS C 79 13.08 -11.76 -2.03
C HIS C 79 12.47 -10.60 -2.80
N HIS C 80 12.45 -9.42 -2.19
CA HIS C 80 11.74 -8.25 -2.75
C HIS C 80 12.58 -6.99 -2.69
N LEU C 81 12.21 -6.04 -3.55
CA LEU C 81 12.58 -4.62 -3.52
C LEU C 81 11.33 -3.90 -3.05
N THR C 82 11.43 -3.07 -2.02
CA THR C 82 10.26 -2.39 -1.42
C THR C 82 10.61 -0.91 -1.27
N CYS C 83 9.72 -0.04 -1.73
CA CYS C 83 9.83 1.42 -1.53
C CYS C 83 9.47 1.74 -0.08
N VAL C 84 10.37 2.43 0.62
CA VAL C 84 10.20 2.80 2.06
C VAL C 84 9.17 3.91 2.15
N ASP C 85 8.90 4.63 1.06
CA ASP C 85 7.91 5.74 1.04
C ASP C 85 6.49 5.16 0.83
N CYS C 86 6.19 4.63 -0.36
CA CYS C 86 4.82 4.22 -0.76
C CYS C 86 4.55 2.73 -0.51
N GLY C 87 5.56 1.92 -0.18
CA GLY C 87 5.38 0.47 0.05
C GLY C 87 5.23 -0.34 -1.25
N THR C 88 5.33 0.25 -2.43
CA THR C 88 5.35 -0.55 -3.70
C THR C 88 6.50 -1.56 -3.69
N THR C 89 6.25 -2.75 -4.23
CA THR C 89 7.13 -3.93 -4.05
C THR C 89 7.27 -4.65 -5.40
N GLN C 90 8.47 -5.14 -5.70
CA GLN C 90 8.71 -6.08 -6.80
C GLN C 90 9.42 -7.31 -6.24
N VAL C 91 9.05 -8.48 -6.74
CA VAL C 91 9.72 -9.77 -6.37
C VAL C 91 10.96 -9.87 -7.25
N LEU C 92 12.09 -10.33 -6.72
CA LEU C 92 13.29 -10.66 -7.53
C LEU C 92 13.06 -11.99 -8.27
N ASP C 93 13.50 -12.07 -9.52
CA ASP C 93 13.29 -13.30 -10.32
C ASP C 93 14.19 -14.42 -9.78
N HIS C 94 15.28 -14.15 -9.09
CA HIS C 94 16.21 -15.20 -8.58
C HIS C 94 16.84 -14.77 -7.25
N CYS C 95 17.36 -15.70 -6.48
CA CYS C 95 18.02 -15.37 -5.20
C CYS C 95 19.43 -14.87 -5.50
N PRO C 96 19.77 -13.60 -5.19
CA PRO C 96 21.11 -13.10 -5.49
C PRO C 96 22.21 -13.60 -4.53
N ILE C 97 21.90 -14.39 -3.51
CA ILE C 97 22.97 -15.01 -2.69
C ILE C 97 22.93 -16.53 -2.81
N HIS C 98 22.39 -17.05 -3.92
CA HIS C 98 22.44 -18.51 -4.19
C HIS C 98 23.89 -19.04 -4.05
N GLY C 99 24.11 -20.02 -3.18
CA GLY C 99 25.41 -20.69 -2.97
C GLY C 99 26.26 -20.04 -1.89
N ILE C 100 25.77 -19.03 -1.18
CA ILE C 100 26.57 -18.32 -0.15
C ILE C 100 27.04 -19.30 0.93
N ASP C 101 28.28 -19.17 1.43
CA ASP C 101 28.79 -19.92 2.61
C ASP C 101 28.39 -19.21 3.92
N VAL C 102 28.09 -19.99 4.96
CA VAL C 102 27.69 -19.53 6.34
C VAL C 102 27.36 -20.78 7.16
N GLY C 108 29.69 -24.90 13.64
CA GLY C 108 29.92 -25.55 14.95
C GLY C 108 28.75 -26.45 15.33
N ASP C 109 27.67 -25.87 15.89
CA ASP C 109 26.37 -26.56 16.13
C ASP C 109 25.22 -25.54 16.10
N PHE C 110 25.15 -24.75 15.03
CA PHE C 110 23.94 -24.08 14.51
C PHE C 110 23.56 -24.76 13.19
N GLU C 111 22.34 -25.29 13.08
CA GLU C 111 21.85 -25.94 11.83
C GLU C 111 21.06 -24.91 11.01
N LEU C 112 21.60 -24.49 9.87
CA LEU C 112 21.00 -23.49 8.96
C LEU C 112 19.79 -24.07 8.21
N LEU C 113 18.67 -23.36 8.20
CA LEU C 113 17.43 -23.77 7.48
C LEU C 113 17.16 -22.82 6.31
N PHE C 114 17.20 -21.52 6.51
CA PHE C 114 16.80 -20.55 5.45
C PHE C 114 17.29 -19.15 5.81
N HIS C 115 17.15 -18.25 4.84
CA HIS C 115 17.48 -16.82 4.98
C HIS C 115 16.32 -15.97 4.46
N THR C 116 16.21 -14.80 5.06
CA THR C 116 15.37 -13.67 4.60
C THR C 116 16.33 -12.65 4.03
N LEU C 117 16.04 -12.16 2.83
CA LEU C 117 16.82 -11.09 2.21
C LEU C 117 15.85 -10.09 1.60
N GLU C 118 15.89 -8.86 2.05
CA GLU C 118 14.89 -7.84 1.61
C GLU C 118 15.65 -6.55 1.32
N PHE C 119 15.35 -5.93 0.18
CA PHE C 119 15.97 -4.66 -0.25
C PHE C 119 14.94 -3.54 -0.09
N PHE C 120 15.43 -2.37 0.30
CA PHE C 120 14.63 -1.18 0.63
C PHE C 120 15.26 0.00 -0.10
N GLY C 121 14.40 0.84 -0.66
CA GLY C 121 14.85 2.09 -1.28
C GLY C 121 13.68 2.93 -1.68
N PHE C 122 13.88 3.76 -2.70
CA PHE C 122 12.81 4.61 -3.29
C PHE C 122 12.53 4.09 -4.69
N CYS C 123 11.25 3.90 -5.00
CA CYS C 123 10.77 3.62 -6.38
C CYS C 123 10.92 4.90 -7.22
N SER C 124 10.73 4.78 -8.54
CA SER C 124 10.91 5.90 -9.52
C SER C 124 10.03 7.09 -9.13
N SER C 125 8.76 6.85 -8.80
CA SER C 125 7.79 7.89 -8.37
C SER C 125 8.25 8.63 -7.09
N CYS C 126 8.90 7.96 -6.14
CA CYS C 126 9.15 8.51 -4.78
C CYS C 126 10.56 9.12 -4.65
N ARG C 127 11.49 8.82 -5.55
CA ARG C 127 12.90 9.33 -5.45
C ARG C 127 12.91 10.83 -5.73
N PRO C 128 13.47 11.67 -4.81
CA PRO C 128 13.62 13.11 -5.06
C PRO C 128 14.92 13.46 -5.81
N PRO D 6 13.10 18.27 2.39
CA PRO D 6 12.93 19.09 3.62
C PRO D 6 14.22 19.19 4.46
N ALA D 7 14.09 19.38 5.78
CA ALA D 7 15.19 19.41 6.79
C ALA D 7 14.64 18.87 8.12
N LEU D 8 15.51 18.43 9.03
CA LEU D 8 15.10 17.73 10.28
C LEU D 8 14.59 18.74 11.32
N ASN D 9 13.40 18.56 11.87
CA ASN D 9 12.94 19.29 13.08
C ASN D 9 13.75 18.78 14.29
N ALA D 10 13.62 19.43 15.45
CA ALA D 10 14.42 19.17 16.67
C ALA D 10 14.19 17.74 17.20
N ARG D 11 12.96 17.23 17.07
CA ARG D 11 12.57 15.88 17.55
C ARG D 11 13.22 14.82 16.66
N GLN D 12 13.19 15.00 15.34
CA GLN D 12 13.83 14.08 14.38
C GLN D 12 15.32 14.05 14.66
N GLN D 13 15.93 15.21 14.90
CA GLN D 13 17.39 15.30 15.21
C GLN D 13 17.69 14.57 16.51
N ALA D 14 16.85 14.72 17.54
CA ALA D 14 17.08 14.08 18.84
C ALA D 14 17.02 12.55 18.65
N LEU D 15 16.09 12.03 17.85
CA LEU D 15 15.97 10.56 17.64
C LEU D 15 17.21 10.05 16.88
N LEU D 16 17.63 10.74 15.83
CA LEU D 16 18.81 10.33 15.02
C LEU D 16 20.05 10.31 15.90
N THR D 17 20.22 11.35 16.73
CA THR D 17 21.34 11.45 17.69
C THR D 17 21.31 10.24 18.63
N ALA D 18 20.15 9.91 19.21
CA ALA D 18 20.05 8.79 20.16
C ALA D 18 20.35 7.48 19.43
N LEU D 19 19.84 7.28 18.21
CA LEU D 19 20.12 6.02 17.45
C LEU D 19 21.62 5.90 17.13
N ASN D 20 22.25 7.01 16.77
CA ASN D 20 23.72 7.05 16.49
C ASN D 20 24.51 6.78 17.77
N ALA D 21 24.11 7.32 18.91
CA ALA D 21 24.82 7.21 20.20
C ALA D 21 24.79 5.77 20.72
N CYS D 22 23.72 5.02 20.47
CA CYS D 22 23.59 3.60 20.89
C CYS D 22 24.41 2.72 19.94
N GLY D 23 25.15 1.75 20.45
CA GLY D 23 26.01 0.87 19.62
C GLY D 23 25.21 -0.09 18.77
N ASP D 24 23.91 -0.25 19.04
CA ASP D 24 23.08 -1.20 18.27
C ASP D 24 21.65 -0.65 18.10
N GLU D 25 20.78 -1.50 17.62
CA GLU D 25 19.40 -1.13 17.22
C GLU D 25 18.56 -0.93 18.48
N MET D 26 17.48 -0.17 18.38
CA MET D 26 16.59 0.10 19.53
C MET D 26 15.15 0.02 19.06
N SER D 27 14.31 -0.61 19.85
CA SER D 27 12.83 -0.46 19.71
C SER D 27 12.44 1.00 19.92
N GLY D 28 11.24 1.38 19.48
CA GLY D 28 10.70 2.72 19.78
C GLY D 28 10.62 2.97 21.29
N GLN D 29 10.27 1.95 22.07
CA GLN D 29 10.17 2.09 23.55
C GLN D 29 11.56 2.27 24.13
N GLN D 30 12.57 1.52 23.67
CA GLN D 30 13.96 1.68 24.19
C GLN D 30 14.43 3.09 23.85
N LEU D 31 14.17 3.55 22.63
CA LEU D 31 14.61 4.90 22.19
C LEU D 31 13.95 5.93 23.12
N HIS D 32 12.66 5.78 23.33
CA HIS D 32 11.88 6.68 24.23
C HIS D 32 12.53 6.70 25.62
N ARG D 33 12.84 5.53 26.19
CA ARG D 33 13.46 5.44 27.55
C ARG D 33 14.87 6.03 27.56
N SER D 34 15.58 6.07 26.43
CA SER D 34 16.97 6.58 26.37
C SER D 34 17.00 8.11 26.39
N LEU D 35 15.91 8.81 26.07
CA LEU D 35 15.98 10.29 25.90
C LEU D 35 16.14 10.94 27.29
N ASP D 36 17.04 11.92 27.40
CA ASP D 36 17.25 12.70 28.64
C ASP D 36 16.18 13.78 28.69
N ASP D 37 16.10 14.53 29.79
CA ASP D 37 15.07 15.57 30.03
C ASP D 37 15.01 16.50 28.82
N GLU D 38 16.17 16.94 28.34
CA GLU D 38 16.29 17.95 27.25
C GLU D 38 15.70 17.40 25.95
N ALA D 39 15.86 16.11 25.66
CA ALA D 39 15.43 15.49 24.39
C ALA D 39 14.05 14.82 24.54
N SER D 40 13.50 14.72 25.75
CA SER D 40 12.28 13.92 26.05
C SER D 40 11.09 14.40 25.19
N MET D 41 10.24 13.48 24.78
CA MET D 41 8.97 13.74 24.07
C MET D 41 8.02 12.56 24.38
N GLY D 42 6.73 12.66 24.06
CA GLY D 42 5.78 11.57 24.26
C GLY D 42 6.10 10.37 23.39
N LEU D 43 5.68 9.18 23.82
CA LEU D 43 5.92 7.92 23.09
C LEU D 43 5.31 8.00 21.69
N ALA D 44 4.07 8.48 21.55
CA ALA D 44 3.37 8.59 20.24
C ALA D 44 4.18 9.51 19.33
N THR D 45 4.78 10.59 19.87
CA THR D 45 5.66 11.51 19.11
C THR D 45 6.90 10.76 18.64
N VAL D 46 7.47 9.89 19.47
CA VAL D 46 8.64 9.08 19.05
C VAL D 46 8.25 8.25 17.82
N TYR D 47 7.16 7.48 17.90
CA TYR D 47 6.74 6.59 16.80
C TYR D 47 6.45 7.40 15.54
N ARG D 48 5.76 8.54 15.65
CA ARG D 48 5.37 9.36 14.48
C ARG D 48 6.65 9.83 13.82
N ASN D 49 7.61 10.30 14.60
CA ASN D 49 8.87 10.86 14.06
C ASN D 49 9.73 9.73 13.48
N LEU D 50 9.72 8.55 14.10
CA LEU D 50 10.46 7.39 13.55
C LEU D 50 9.89 7.04 12.19
N ARG D 51 8.57 6.98 12.07
CA ARG D 51 7.86 6.63 10.82
C ARG D 51 8.26 7.61 9.74
N GLN D 52 8.30 8.90 10.04
CA GLN D 52 8.72 9.94 9.06
C GLN D 52 10.16 9.67 8.62
N LEU D 53 11.06 9.40 9.56
CA LEU D 53 12.50 9.16 9.25
C LEU D 53 12.60 7.91 8.39
N GLN D 54 11.79 6.89 8.65
CA GLN D 54 11.79 5.62 7.89
C GLN D 54 11.37 5.93 6.44
N GLN D 55 10.32 6.73 6.28
CA GLN D 55 9.75 7.05 4.95
C GLN D 55 10.74 7.90 4.16
N ARG D 56 11.58 8.68 4.84
CA ARG D 56 12.65 9.48 4.19
C ARG D 56 13.91 8.65 4.01
N GLY D 57 13.94 7.38 4.43
CA GLY D 57 15.12 6.52 4.27
C GLY D 57 16.31 6.98 5.12
N LEU D 58 16.07 7.63 6.27
CA LEU D 58 17.16 8.12 7.19
C LEU D 58 17.38 7.14 8.33
N VAL D 59 16.41 6.28 8.61
CA VAL D 59 16.55 5.19 9.59
C VAL D 59 16.15 3.90 8.88
N ARG D 60 16.78 2.81 9.31
CA ARG D 60 16.38 1.47 8.88
C ARG D 60 15.63 0.82 10.02
N CYS D 61 14.76 -0.09 9.64
CA CYS D 61 13.89 -0.83 10.56
C CYS D 61 13.98 -2.31 10.19
N ARG D 62 14.03 -3.17 11.18
CA ARG D 62 13.77 -4.61 10.95
C ARG D 62 12.96 -5.13 12.13
N HIS D 63 12.29 -6.25 11.92
CA HIS D 63 11.35 -6.82 12.91
C HIS D 63 11.97 -8.08 13.48
N LEU D 64 11.94 -8.22 14.80
CA LEU D 64 12.24 -9.51 15.46
C LEU D 64 11.17 -10.51 15.08
N PRO D 65 11.45 -11.82 15.21
CA PRO D 65 10.43 -12.85 14.97
C PRO D 65 9.13 -12.62 15.73
N THR D 66 9.18 -11.92 16.87
CA THR D 66 8.03 -11.58 17.74
C THR D 66 7.20 -10.46 17.12
N GLY D 67 7.69 -9.77 16.09
CA GLY D 67 6.98 -8.62 15.47
C GLY D 67 7.49 -7.28 15.97
N GLU D 68 8.34 -7.24 17.00
CA GLU D 68 8.87 -5.96 17.53
C GLU D 68 9.81 -5.29 16.50
N ALA D 69 9.60 -4.00 16.27
CA ALA D 69 10.37 -3.19 15.30
C ALA D 69 11.61 -2.63 15.99
N LEU D 70 12.78 -2.79 15.37
CA LEU D 70 14.05 -2.24 15.88
C LEU D 70 14.60 -1.28 14.83
N TYR D 71 15.09 -0.12 15.28
CA TYR D 71 15.53 0.98 14.41
C TYR D 71 17.02 1.20 14.58
N ALA D 72 17.66 1.67 13.53
CA ALA D 72 19.08 2.05 13.52
C ALA D 72 19.31 3.11 12.45
N PRO D 73 20.44 3.84 12.53
CA PRO D 73 20.85 4.72 11.45
C PRO D 73 20.92 3.87 10.17
N VAL D 74 20.50 4.44 9.05
CA VAL D 74 20.32 3.71 7.78
C VAL D 74 21.63 3.03 7.37
N ASP D 75 22.80 3.57 7.72
CA ASP D 75 24.11 3.01 7.29
C ASP D 75 24.58 1.84 8.18
N ARG D 76 23.93 1.57 9.30
CA ARG D 76 24.38 0.50 10.23
C ARG D 76 23.85 -0.87 9.73
N ASP D 77 24.71 -1.71 9.16
CA ASP D 77 24.30 -2.91 8.39
C ASP D 77 24.72 -4.15 9.16
N ARG D 78 24.02 -4.53 10.21
CA ARG D 78 24.32 -5.72 11.04
C ARG D 78 23.28 -6.82 10.74
N HIS D 79 23.74 -8.04 10.56
CA HIS D 79 22.89 -9.21 10.24
C HIS D 79 23.08 -10.26 11.31
N HIS D 80 22.14 -11.21 11.43
CA HIS D 80 22.10 -12.18 12.55
C HIS D 80 21.82 -13.59 12.05
N LEU D 81 22.18 -14.55 12.88
CA LEU D 81 21.75 -15.97 12.92
C LEU D 81 20.77 -16.08 14.07
N THR D 82 19.60 -16.65 13.84
CA THR D 82 18.52 -16.75 14.85
C THR D 82 17.99 -18.18 14.85
N CYS D 83 17.84 -18.77 16.04
CA CYS D 83 17.15 -20.05 16.22
C CYS D 83 15.64 -19.83 16.08
N VAL D 84 14.98 -20.57 15.20
CA VAL D 84 13.51 -20.46 14.95
C VAL D 84 12.74 -21.04 16.14
N ASP D 85 13.37 -21.87 16.96
CA ASP D 85 12.71 -22.53 18.12
C ASP D 85 12.75 -21.59 19.33
N CYS D 86 13.93 -21.34 19.90
CA CYS D 86 14.11 -20.57 21.16
C CYS D 86 14.35 -19.08 20.91
N GLY D 87 14.61 -18.63 19.67
CA GLY D 87 14.80 -17.20 19.34
C GLY D 87 16.19 -16.70 19.74
N THR D 88 17.10 -17.54 20.21
CA THR D 88 18.49 -17.09 20.50
C THR D 88 19.14 -16.59 19.19
N THR D 89 19.93 -15.53 19.28
CA THR D 89 20.39 -14.74 18.11
C THR D 89 21.86 -14.38 18.33
N GLN D 90 22.65 -14.41 17.27
CA GLN D 90 24.04 -13.94 17.27
C GLN D 90 24.25 -13.06 16.05
N VAL D 91 25.08 -12.03 16.20
CA VAL D 91 25.43 -11.08 15.11
C VAL D 91 26.48 -11.73 14.22
N LEU D 92 26.39 -11.58 12.90
CA LEU D 92 27.49 -11.94 11.96
C LEU D 92 28.65 -10.96 12.11
N ASP D 93 29.88 -11.48 12.00
CA ASP D 93 31.09 -10.64 12.17
C ASP D 93 31.15 -9.59 11.05
N HIS D 94 30.63 -9.85 9.85
CA HIS D 94 30.57 -8.81 8.78
C HIS D 94 29.48 -9.16 7.76
N CYS D 95 29.09 -8.19 6.94
CA CYS D 95 28.12 -8.40 5.86
C CYS D 95 28.79 -9.16 4.72
N PRO D 96 28.33 -10.39 4.39
CA PRO D 96 28.91 -11.16 3.31
C PRO D 96 28.62 -10.67 1.88
N ILE D 97 27.82 -9.62 1.72
CA ILE D 97 27.52 -9.01 0.40
C ILE D 97 28.66 -8.03 0.06
N HIS D 98 29.44 -7.59 1.04
CA HIS D 98 30.64 -6.73 0.85
C HIS D 98 30.32 -5.51 0.00
N GLY D 99 29.14 -4.89 0.18
CA GLY D 99 28.73 -3.63 -0.49
C GLY D 99 28.39 -3.80 -1.98
N ILE D 100 28.36 -5.03 -2.48
CA ILE D 100 27.97 -5.29 -3.89
C ILE D 100 26.53 -4.77 -4.11
N ASP D 101 26.22 -4.18 -5.27
CA ASP D 101 24.86 -3.66 -5.63
C ASP D 101 23.92 -4.78 -6.10
N VAL D 102 22.61 -4.60 -5.91
CA VAL D 102 21.55 -5.45 -6.54
C VAL D 102 21.80 -5.45 -8.06
N PRO D 103 21.57 -6.60 -8.75
CA PRO D 103 21.72 -6.75 -10.20
C PRO D 103 21.67 -5.48 -11.09
N ALA D 104 20.59 -4.69 -11.04
CA ALA D 104 20.48 -3.37 -11.71
C ALA D 104 20.65 -3.53 -13.23
N GLY D 108 13.95 -1.54 -10.92
CA GLY D 108 14.02 -1.03 -12.30
C GLY D 108 14.60 0.38 -12.37
N ASP D 109 13.73 1.39 -12.19
CA ASP D 109 14.11 2.82 -11.99
C ASP D 109 14.08 3.12 -10.47
N PHE D 110 14.83 2.33 -9.72
CA PHE D 110 14.68 2.15 -8.26
C PHE D 110 16.00 2.53 -7.57
N GLU D 111 15.97 3.46 -6.61
CA GLU D 111 17.19 3.88 -5.84
C GLU D 111 17.29 3.03 -4.58
N LEU D 112 18.29 2.15 -4.51
CA LEU D 112 18.51 1.20 -3.40
C LEU D 112 19.16 1.94 -2.22
N LEU D 113 18.66 1.73 -0.99
CA LEU D 113 19.22 2.38 0.24
C LEU D 113 19.90 1.34 1.13
N PHE D 114 19.26 0.22 1.39
CA PHE D 114 19.81 -0.79 2.32
C PHE D 114 19.10 -2.13 2.09
N HIS D 115 19.64 -3.14 2.75
CA HIS D 115 19.14 -4.53 2.75
C HIS D 115 19.11 -5.02 4.19
N THR D 116 18.17 -5.88 4.43
CA THR D 116 18.01 -6.71 5.63
C THR D 116 18.38 -8.12 5.18
N LEU D 117 19.27 -8.76 5.93
CA LEU D 117 19.71 -10.14 5.66
C LEU D 117 19.71 -10.84 7.01
N GLU D 118 18.93 -11.90 7.14
CA GLU D 118 18.78 -12.61 8.42
C GLU D 118 18.82 -14.10 8.08
N PHE D 119 19.60 -14.87 8.83
CA PHE D 119 19.69 -16.34 8.72
C PHE D 119 18.94 -17.00 9.87
N PHE D 120 18.29 -18.12 9.57
CA PHE D 120 17.41 -18.86 10.52
C PHE D 120 17.83 -20.32 10.52
N GLY D 121 17.80 -20.95 11.70
CA GLY D 121 17.97 -22.40 11.82
C GLY D 121 17.73 -22.86 13.24
N PHE D 122 18.37 -23.94 13.65
CA PHE D 122 18.25 -24.51 15.00
C PHE D 122 19.60 -24.36 15.71
N CYS D 123 19.59 -23.83 16.93
CA CYS D 123 20.77 -23.82 17.82
C CYS D 123 21.03 -25.25 18.33
N SER D 124 22.17 -25.45 19.00
CA SER D 124 22.65 -26.76 19.52
C SER D 124 21.59 -27.42 20.39
N SER D 125 20.98 -26.68 21.32
CA SER D 125 19.90 -27.18 22.23
C SER D 125 18.67 -27.67 21.45
N CYS D 126 18.31 -27.05 20.32
CA CYS D 126 16.92 -27.12 19.79
C CYS D 126 16.66 -28.18 18.72
N ARG D 127 17.63 -28.70 17.95
CA ARG D 127 17.30 -29.61 16.80
C ARG D 127 16.79 -30.96 17.30
N PRO D 128 15.56 -31.42 16.92
CA PRO D 128 14.97 -32.65 17.47
C PRO D 128 15.32 -33.90 16.65
ZN ZN E . -10.63 3.43 3.33
ZN ZN F . 2.54 20.81 -5.19
ZN ZN G . -17.53 14.82 1.39
ZN ZN H . -26.15 -3.59 -10.74
ZN ZN I . -24.46 11.78 8.82
C ACT J . -9.07 16.87 -9.06
O ACT J . -8.56 18.04 -9.22
OXT ACT J . -10.23 16.66 -8.63
CH3 ACT J . -8.26 15.60 -9.42
ZN ZN K . 17.41 -16.54 -1.07
ZN ZN L . 7.46 4.64 -3.84
ZN ZN M . 24.52 -6.16 4.70
ZN ZN N . 17.28 -22.78 19.98
#